data_6OAF
#
_entry.id   6OAF
#
_cell.length_a   126.840
_cell.length_b   33.750
_cell.length_c   101.860
_cell.angle_alpha   90.00
_cell.angle_beta   101.46
_cell.angle_gamma   90.00
#
_symmetry.space_group_name_H-M   'C 1 2 1'
#
loop_
_entity.id
_entity.type
_entity.pdbx_description
1 polymer 'Polymerase cofactor VP35,Nucleoprotein'
2 water water
#
_entity_poly.entity_id   1
_entity_poly.type   'polypeptide(L)'
_entity_poly.pdbx_seq_one_letter_code
;MQQDRTYRHHGPEVSGWFSEQLMTGKIPLTEVFVDVENKPSPAPITIISGIVRQRVIPVYVVNDLEGICQHIIQAFEAGV
DFQDNADSFLLLLCLHHAYQGDHRLFLKSDAVQYLEGHGFRFEVREKENVHRLDELLPNVTGGKNLRRTLAAMPEEETTE
ANAGQFLSFASLFLPKLVVGEKACLEKVQRQIQVHAEQGLIQYPTSWQSVGHMMVIFRLMRTNFLIKFLLIHQGMHMVAG
HDANDTVISNSVAQARFSGLLIVKTVLDHILQKTDLGVRLHPLARTAKVKNEVSSFKAALGSLAKHGEYAPFARLLNLSG
VNNLEHGLYPQLSAIALGVATAHGSTLAGVNVGEQYQQLREAATEAEKQLQQYAETRELDNLG
;
_entity_poly.pdbx_strand_id   A
#
# COMPACT_ATOMS: atom_id res chain seq x y z
N GLN A 3 -25.02 1.88 -41.45
CA GLN A 3 -23.85 2.79 -41.28
C GLN A 3 -22.57 2.00 -41.04
N ASP A 4 -21.68 2.01 -42.03
CA ASP A 4 -20.42 1.28 -41.93
C ASP A 4 -19.51 1.85 -40.84
N ARG A 5 -18.41 1.18 -40.60
CA ARG A 5 -17.51 1.54 -39.51
C ARG A 5 -16.84 2.89 -39.73
N THR A 6 -16.99 3.78 -38.76
CA THR A 6 -16.29 5.06 -38.74
C THR A 6 -15.02 4.94 -37.93
N TYR A 7 -13.93 4.55 -38.59
CA TYR A 7 -12.66 4.30 -37.91
C TYR A 7 -12.09 5.58 -37.28
N ARG A 8 -11.86 5.52 -35.98
CA ARG A 8 -11.31 6.64 -35.23
C ARG A 8 -10.17 6.16 -34.33
N HIS A 9 -9.07 6.90 -34.33
CA HIS A 9 -7.92 6.61 -33.48
C HIS A 9 -7.87 7.61 -32.33
N HIS A 10 -7.85 7.09 -31.10
CA HIS A 10 -7.87 7.91 -29.90
C HIS A 10 -6.57 7.83 -29.11
N GLY A 11 -5.67 6.94 -29.53
CA GLY A 11 -4.34 6.87 -28.94
C GLY A 11 -4.28 6.01 -27.69
N PRO A 12 -3.29 6.28 -26.81
CA PRO A 12 -3.09 5.48 -25.60
C PRO A 12 -4.03 5.87 -24.46
N GLU A 13 -4.23 4.95 -23.52
CA GLU A 13 -5.10 5.21 -22.37
C GLU A 13 -4.37 5.99 -21.29
N VAL A 14 -4.09 7.25 -21.55
CA VAL A 14 -3.39 8.11 -20.62
C VAL A 14 -4.21 8.39 -19.36
N SER A 15 -5.50 8.12 -19.43
CA SER A 15 -6.40 8.32 -18.29
C SER A 15 -5.99 7.44 -17.11
N GLY A 16 -5.40 6.29 -17.43
CA GLY A 16 -4.95 5.36 -16.40
C GLY A 16 -6.06 4.45 -15.90
N TRP A 17 -7.28 4.70 -16.36
CA TRP A 17 -8.43 3.93 -15.91
C TRP A 17 -8.30 2.45 -16.25
N PHE A 18 -8.03 2.16 -17.52
CA PHE A 18 -8.00 0.78 -17.99
C PHE A 18 -6.90 -0.03 -17.31
N SER A 19 -5.72 0.58 -17.14
CA SER A 19 -4.61 -0.11 -16.51
C SER A 19 -4.89 -0.38 -15.03
N GLU A 20 -5.69 0.49 -14.41
CA GLU A 20 -6.07 0.30 -13.02
C GLU A 20 -6.97 -0.92 -12.88
N GLN A 21 -7.93 -1.06 -13.79
CA GLN A 21 -8.84 -2.19 -13.76
C GLN A 21 -8.09 -3.50 -13.98
N LEU A 22 -7.08 -3.46 -14.85
CA LEU A 22 -6.27 -4.65 -15.13
C LEU A 22 -5.45 -5.08 -13.91
N MET A 23 -4.97 -4.11 -13.15
CA MET A 23 -4.07 -4.39 -12.04
C MET A 23 -4.82 -4.75 -10.76
N THR A 24 -6.10 -4.44 -10.71
CA THR A 24 -6.94 -4.75 -9.56
C THR A 24 -7.90 -5.91 -9.84
N GLY A 25 -7.77 -6.51 -11.02
CA GLY A 25 -8.51 -7.71 -11.35
C GLY A 25 -9.96 -7.49 -11.74
N LYS A 26 -10.33 -6.24 -12.03
CA LYS A 26 -11.70 -5.93 -12.42
C LYS A 26 -11.90 -6.15 -13.92
N ILE A 27 -10.80 -6.18 -14.66
CA ILE A 27 -10.81 -6.56 -16.07
C ILE A 27 -9.85 -7.72 -16.27
N PRO A 28 -10.33 -8.83 -16.87
CA PRO A 28 -9.44 -9.97 -17.06
C PRO A 28 -8.30 -9.65 -18.03
N LEU A 29 -7.12 -10.20 -17.76
CA LEU A 29 -5.95 -9.92 -18.57
C LEU A 29 -6.06 -10.50 -19.98
N THR A 30 -6.98 -11.46 -20.15
CA THR A 30 -7.20 -12.06 -21.46
C THR A 30 -7.94 -11.10 -22.39
N GLU A 31 -8.44 -10.00 -21.84
CA GLU A 31 -9.15 -8.99 -22.62
C GLU A 31 -8.18 -8.19 -23.50
N VAL A 32 -6.91 -8.16 -23.09
CA VAL A 32 -5.88 -7.42 -23.82
C VAL A 32 -4.80 -8.37 -24.32
N PHE A 33 -4.39 -9.31 -23.47
CA PHE A 33 -3.32 -10.24 -23.79
C PHE A 33 -3.87 -11.51 -24.45
N VAL A 34 -2.99 -12.50 -24.64
CA VAL A 34 -3.36 -13.75 -25.28
C VAL A 34 -2.76 -14.94 -24.55
N ASP A 35 -1.47 -15.18 -24.78
CA ASP A 35 -0.76 -16.31 -24.17
C ASP A 35 -1.37 -17.63 -24.61
N PRO A 44 -2.00 -26.71 -7.25
CA PRO A 44 -2.47 -26.79 -5.87
C PRO A 44 -1.39 -27.26 -4.90
N ILE A 45 -1.02 -26.40 -3.96
CA ILE A 45 0.01 -26.71 -2.98
C ILE A 45 -0.55 -27.60 -1.87
N THR A 46 0.27 -28.55 -1.41
CA THR A 46 -0.13 -29.51 -0.38
C THR A 46 0.65 -29.28 0.91
N ILE A 47 0.12 -29.79 2.01
CA ILE A 47 0.78 -29.69 3.31
C ILE A 47 2.13 -30.40 3.33
N ILE A 48 2.33 -31.32 2.39
CA ILE A 48 3.57 -32.08 2.31
C ILE A 48 4.58 -31.44 1.34
N SER A 49 4.11 -30.50 0.52
CA SER A 49 4.94 -29.88 -0.50
C SER A 49 5.26 -28.42 -0.18
N GLY A 50 4.32 -27.75 0.49
CA GLY A 50 4.47 -26.34 0.81
C GLY A 50 4.52 -26.06 2.29
N ILE A 51 4.87 -24.82 2.64
CA ILE A 51 4.95 -24.37 4.02
C ILE A 51 4.21 -23.05 4.18
N VAL A 52 3.34 -22.99 5.18
CA VAL A 52 2.62 -21.76 5.51
C VAL A 52 2.95 -21.34 6.94
N ARG A 53 3.55 -20.16 7.08
CA ARG A 53 3.83 -19.61 8.40
C ARG A 53 2.60 -18.93 8.96
N GLN A 54 2.06 -19.49 10.05
CA GLN A 54 0.94 -18.89 10.74
C GLN A 54 1.43 -17.80 11.69
N ARG A 55 0.79 -16.65 11.64
CA ARG A 55 1.11 -15.54 12.53
C ARG A 55 -0.08 -15.29 13.46
N VAL A 56 0.03 -15.77 14.69
CA VAL A 56 -1.05 -15.63 15.66
C VAL A 56 -1.06 -14.24 16.30
N ILE A 57 -2.19 -13.55 16.14
CA ILE A 57 -2.36 -12.22 16.70
C ILE A 57 -3.37 -12.25 17.83
N PRO A 58 -2.90 -12.14 19.08
CA PRO A 58 -3.83 -12.02 20.21
C PRO A 58 -4.74 -10.80 20.08
N VAL A 59 -6.05 -11.02 20.23
CA VAL A 59 -7.03 -9.93 20.23
C VAL A 59 -7.55 -9.75 21.66
N TYR A 60 -6.93 -8.83 22.39
CA TYR A 60 -7.26 -8.65 23.80
C TYR A 60 -8.51 -7.80 24.00
N VAL A 61 -9.56 -8.42 24.52
CA VAL A 61 -10.76 -7.69 24.91
C VAL A 61 -10.54 -7.20 26.34
N VAL A 62 -10.76 -5.91 26.54
CA VAL A 62 -10.40 -5.26 27.80
C VAL A 62 -11.31 -4.09 28.13
N ASN A 63 -11.58 -3.91 29.42
CA ASN A 63 -12.25 -2.71 29.89
C ASN A 63 -11.24 -1.57 29.94
N ASP A 64 -11.72 -0.34 29.72
CA ASP A 64 -10.85 0.83 29.64
C ASP A 64 -9.83 0.64 28.51
N LEU A 65 -10.35 0.43 27.29
CA LEU A 65 -9.50 0.29 26.13
C LEU A 65 -8.85 1.62 25.79
N GLU A 66 -9.52 2.72 26.14
CA GLU A 66 -8.97 4.05 25.99
C GLU A 66 -7.66 4.17 26.76
N GLY A 67 -7.71 3.80 28.04
CA GLY A 67 -6.57 3.92 28.93
C GLY A 67 -5.37 3.16 28.41
N ILE A 68 -5.60 1.93 27.96
CA ILE A 68 -4.53 1.09 27.42
C ILE A 68 -3.94 1.71 26.16
N CYS A 69 -4.80 2.27 25.32
CA CYS A 69 -4.35 2.91 24.09
C CYS A 69 -3.44 4.09 24.39
N GLN A 70 -3.76 4.84 25.44
CA GLN A 70 -2.93 5.96 25.86
C GLN A 70 -1.55 5.47 26.28
N HIS A 71 -1.52 4.33 26.97
CA HIS A 71 -0.25 3.73 27.39
C HIS A 71 0.56 3.26 26.19
N ILE A 72 -0.11 2.70 25.19
CA ILE A 72 0.56 2.25 23.97
C ILE A 72 1.19 3.44 23.25
N ILE A 73 0.43 4.52 23.14
CA ILE A 73 0.93 5.73 22.49
C ILE A 73 2.14 6.27 23.23
N GLN A 74 2.04 6.32 24.56
CA GLN A 74 3.12 6.86 25.38
C GLN A 74 4.37 5.98 25.32
N ALA A 75 4.17 4.68 25.07
CA ALA A 75 5.29 3.76 24.90
C ALA A 75 6.04 4.06 23.61
N PHE A 76 5.30 4.34 22.54
CA PHE A 76 5.91 4.72 21.27
C PHE A 76 6.57 6.09 21.38
N GLU A 77 5.94 6.98 22.12
CA GLU A 77 6.49 8.32 22.35
C GLU A 77 7.84 8.25 23.07
N ALA A 78 7.99 7.24 23.91
CA ALA A 78 9.23 7.05 24.66
C ALA A 78 10.29 6.35 23.82
N GLY A 79 9.92 5.97 22.61
CA GLY A 79 10.85 5.32 21.69
C GLY A 79 11.01 3.84 21.95
N VAL A 80 10.03 3.24 22.63
CA VAL A 80 10.04 1.81 22.87
C VAL A 80 9.95 1.07 21.53
N ASP A 81 10.86 0.14 21.32
CA ASP A 81 10.92 -0.62 20.07
C ASP A 81 10.26 -1.99 20.25
N PHE A 82 8.99 -2.09 19.89
CA PHE A 82 8.32 -3.38 19.78
C PHE A 82 8.88 -4.09 18.55
N GLN A 83 9.78 -5.04 18.76
CA GLN A 83 10.48 -5.66 17.64
C GLN A 83 9.52 -6.40 16.70
N ASP A 84 8.76 -7.34 17.24
CA ASP A 84 7.81 -8.09 16.44
C ASP A 84 6.59 -8.47 17.27
N ASN A 85 6.38 -7.74 18.37
CA ASN A 85 5.21 -7.94 19.21
C ASN A 85 4.30 -6.72 19.16
N ALA A 86 4.42 -5.94 18.08
CA ALA A 86 3.69 -4.70 17.94
C ALA A 86 2.25 -4.92 17.49
N ASP A 87 2.02 -6.03 16.79
CA ASP A 87 0.72 -6.30 16.17
C ASP A 87 -0.45 -6.20 17.15
N SER A 88 -0.32 -6.86 18.30
CA SER A 88 -1.38 -6.87 19.29
C SER A 88 -1.74 -5.46 19.77
N PHE A 89 -0.72 -4.67 20.07
CA PHE A 89 -0.92 -3.32 20.59
C PHE A 89 -1.45 -2.38 19.51
N LEU A 90 -0.88 -2.49 18.31
CA LEU A 90 -1.34 -1.68 17.19
C LEU A 90 -2.77 -2.02 16.81
N LEU A 91 -3.14 -3.29 17.01
CA LEU A 91 -4.49 -3.75 16.71
C LEU A 91 -5.50 -3.12 17.66
N LEU A 92 -5.11 -2.98 18.92
CA LEU A 92 -5.98 -2.37 19.92
C LEU A 92 -6.27 -0.91 19.56
N LEU A 93 -5.28 -0.23 19.00
CA LEU A 93 -5.46 1.15 18.55
C LEU A 93 -6.50 1.20 17.43
N CYS A 94 -6.37 0.30 16.47
N CYS A 94 -6.35 0.30 16.47
CA CYS A 94 -7.28 0.25 15.34
CA CYS A 94 -7.28 0.24 15.34
C CYS A 94 -8.68 -0.19 15.77
C CYS A 94 -8.67 -0.17 15.79
N LEU A 95 -8.74 -1.13 16.71
CA LEU A 95 -10.02 -1.58 17.25
C LEU A 95 -10.75 -0.44 17.92
N HIS A 96 -10.00 0.34 18.71
CA HIS A 96 -10.58 1.43 19.48
C HIS A 96 -11.03 2.59 18.60
N HIS A 97 -10.26 2.89 17.57
CA HIS A 97 -10.58 4.01 16.69
C HIS A 97 -11.58 3.63 15.62
N ALA A 98 -11.21 2.68 14.77
CA ALA A 98 -12.03 2.34 13.61
C ALA A 98 -13.34 1.66 13.98
N TYR A 99 -13.26 0.66 14.86
CA TYR A 99 -14.43 -0.15 15.20
C TYR A 99 -15.05 0.25 16.53
N GLN A 100 -14.42 1.20 17.21
CA GLN A 100 -14.98 1.77 18.44
C GLN A 100 -15.28 0.70 19.49
N GLY A 101 -14.38 -0.27 19.61
CA GLY A 101 -14.48 -1.31 20.62
C GLY A 101 -14.94 -2.66 20.08
N ASP A 102 -15.79 -2.63 19.06
CA ASP A 102 -16.38 -3.85 18.52
C ASP A 102 -15.33 -4.70 17.79
N HIS A 103 -14.78 -5.67 18.51
CA HIS A 103 -13.77 -6.56 17.95
C HIS A 103 -14.42 -7.68 17.12
N ARG A 104 -15.64 -8.05 17.49
CA ARG A 104 -16.34 -9.14 16.81
C ARG A 104 -16.73 -8.72 15.40
N LEU A 105 -17.10 -7.46 15.23
CA LEU A 105 -17.43 -6.94 13.91
C LEU A 105 -16.20 -6.94 13.02
N PHE A 106 -15.05 -6.58 13.60
CA PHE A 106 -13.79 -6.57 12.87
C PHE A 106 -13.42 -7.98 12.40
N LEU A 107 -13.60 -8.96 13.27
CA LEU A 107 -13.25 -10.34 12.95
C LEU A 107 -14.14 -10.91 11.84
N LYS A 108 -15.25 -10.24 11.56
CA LYS A 108 -16.16 -10.67 10.50
C LYS A 108 -15.87 -9.97 9.17
N SER A 109 -14.95 -9.00 9.19
CA SER A 109 -14.68 -8.18 8.00
C SER A 109 -14.04 -8.99 6.87
N ASP A 110 -14.21 -8.51 5.65
CA ASP A 110 -13.55 -9.11 4.50
C ASP A 110 -12.05 -8.90 4.60
N ALA A 111 -11.65 -7.87 5.33
CA ALA A 111 -10.24 -7.56 5.54
C ALA A 111 -9.53 -8.66 6.33
N VAL A 112 -10.19 -9.15 7.36
CA VAL A 112 -9.65 -10.25 8.16
C VAL A 112 -9.54 -11.51 7.31
N GLN A 113 -10.55 -11.75 6.47
CA GLN A 113 -10.51 -12.89 5.57
C GLN A 113 -9.30 -12.82 4.65
N TYR A 114 -9.04 -11.64 4.10
CA TYR A 114 -7.87 -11.43 3.26
C TYR A 114 -6.59 -11.70 4.05
N LEU A 115 -6.53 -11.19 5.28
CA LEU A 115 -5.36 -11.38 6.14
C LEU A 115 -5.14 -12.85 6.48
N GLU A 116 -6.24 -13.59 6.64
CA GLU A 116 -6.14 -15.02 6.92
C GLU A 116 -5.49 -15.74 5.74
N GLY A 117 -5.53 -15.11 4.56
CA GLY A 117 -4.84 -15.63 3.40
C GLY A 117 -3.33 -15.48 3.57
N HIS A 118 -2.92 -14.42 4.25
CA HIS A 118 -1.50 -14.17 4.51
C HIS A 118 -0.99 -14.97 5.70
N GLY A 119 -1.84 -15.85 6.23
CA GLY A 119 -1.45 -16.73 7.33
C GLY A 119 -1.73 -16.15 8.70
N PHE A 120 -2.39 -14.99 8.75
CA PHE A 120 -2.77 -14.40 10.02
C PHE A 120 -3.85 -15.21 10.71
N ARG A 121 -3.69 -15.39 12.02
CA ARG A 121 -4.69 -16.10 12.84
C ARG A 121 -5.04 -15.25 14.05
N PHE A 122 -6.23 -14.68 14.04
CA PHE A 122 -6.67 -13.82 15.13
C PHE A 122 -7.34 -14.62 16.24
N GLU A 123 -6.68 -14.69 17.40
CA GLU A 123 -7.21 -15.39 18.56
C GLU A 123 -7.60 -14.40 19.64
N VAL A 124 -8.87 -14.40 20.01
CA VAL A 124 -9.35 -13.55 21.09
C VAL A 124 -8.88 -14.10 22.43
N ARG A 125 -8.47 -13.20 23.32
CA ARG A 125 -8.03 -13.57 24.66
C ARG A 125 -8.60 -12.61 25.68
N GLU A 126 -9.48 -13.12 26.53
CA GLU A 126 -10.21 -12.29 27.48
C GLU A 126 -9.38 -11.97 28.71
N LYS A 127 -9.15 -10.68 28.93
CA LYS A 127 -8.48 -10.18 30.13
C LYS A 127 -9.43 -9.24 30.86
N GLU A 128 -9.99 -9.73 31.97
CA GLU A 128 -10.96 -8.95 32.75
C GLU A 128 -10.40 -7.58 33.10
N ASN A 129 -9.19 -7.58 33.64
CA ASN A 129 -8.46 -6.35 33.93
C ASN A 129 -6.96 -6.57 33.83
N VAL A 130 -6.27 -5.64 33.17
CA VAL A 130 -4.82 -5.70 33.02
C VAL A 130 -4.17 -4.47 33.64
N HIS A 131 -3.17 -4.71 34.49
CA HIS A 131 -2.49 -3.64 35.21
C HIS A 131 -1.79 -2.69 34.26
N ARG A 132 -1.06 -3.25 33.30
CA ARG A 132 -0.33 -2.44 32.32
C ARG A 132 -0.02 -3.26 31.06
N LEU A 133 0.82 -2.70 30.20
CA LEU A 133 1.13 -3.33 28.92
C LEU A 133 1.95 -4.60 29.10
N ASP A 134 2.68 -4.68 30.20
CA ASP A 134 3.47 -5.87 30.49
C ASP A 134 2.58 -7.11 30.64
N GLU A 135 1.33 -6.88 31.04
CA GLU A 135 0.37 -7.95 31.23
C GLU A 135 -0.22 -8.43 29.91
N LEU A 136 -0.03 -7.65 28.85
CA LEU A 136 -0.61 -7.96 27.54
C LEU A 136 0.40 -8.64 26.61
N LEU A 137 1.48 -9.15 27.17
CA LEU A 137 2.55 -9.76 26.39
C LEU A 137 3.08 -11.00 27.10
N PRO A 138 2.18 -11.86 27.62
CA PRO A 138 2.66 -12.98 28.43
C PRO A 138 3.45 -14.02 27.63
N ASN A 139 4.63 -14.36 28.13
CA ASN A 139 5.47 -15.41 27.53
C ASN A 139 6.62 -15.75 28.48
N VAL A 140 7.06 -17.00 28.49
CA VAL A 140 8.11 -17.44 29.40
C VAL A 140 9.49 -17.40 28.74
N THR A 141 9.53 -17.07 27.45
CA THR A 141 10.75 -17.26 26.64
C THR A 141 11.13 -16.06 25.78
N GLY A 142 10.16 -15.26 25.36
CA GLY A 142 10.43 -14.15 24.47
C GLY A 142 11.35 -13.11 25.07
N GLY A 143 11.75 -12.13 24.25
CA GLY A 143 12.61 -11.05 24.70
C GLY A 143 12.01 -10.31 25.88
N LYS A 144 12.77 -10.22 26.97
CA LYS A 144 12.27 -9.66 28.23
C LYS A 144 12.62 -8.19 28.40
N ASN A 145 13.43 -7.65 27.49
CA ASN A 145 13.81 -6.24 27.55
C ASN A 145 12.59 -5.34 27.40
N LEU A 146 11.69 -5.73 26.50
CA LEU A 146 10.47 -4.98 26.27
C LEU A 146 9.52 -5.06 27.46
N ARG A 147 9.35 -6.27 27.99
CA ARG A 147 8.45 -6.52 29.11
C ARG A 147 8.88 -5.72 30.33
N ARG A 148 10.19 -5.65 30.57
CA ARG A 148 10.73 -4.88 31.68
C ARG A 148 10.57 -3.39 31.41
N THR A 149 10.75 -3.00 30.14
CA THR A 149 10.60 -1.61 29.75
C THR A 149 9.15 -1.16 29.94
N LEU A 150 8.21 -1.97 29.47
CA LEU A 150 6.80 -1.64 29.56
C LEU A 150 6.33 -1.58 31.01
N ALA A 151 6.94 -2.41 31.86
CA ALA A 151 6.65 -2.39 33.29
C ALA A 151 7.25 -1.15 33.94
N ALA A 152 8.32 -0.63 33.34
CA ALA A 152 8.99 0.56 33.86
C ALA A 152 8.26 1.84 33.46
N MET A 153 7.37 1.73 32.48
CA MET A 153 6.59 2.89 32.03
C MET A 153 5.70 3.40 33.17
N PRO A 154 5.67 4.73 33.37
CA PRO A 154 4.82 5.28 34.43
C PRO A 154 3.34 5.26 34.06
N GLU A 155 2.48 5.07 35.05
CA GLU A 155 1.04 5.07 34.84
C GLU A 155 0.52 6.49 34.57
N GLU A 156 1.40 7.47 34.68
CA GLU A 156 1.06 8.86 34.46
C GLU A 156 0.56 9.11 33.03
N GLU A 157 -0.44 9.97 32.91
CA GLU A 157 -0.93 10.41 31.60
C GLU A 157 -0.12 11.62 31.14
N THR A 158 0.56 11.47 30.01
CA THR A 158 1.49 12.50 29.52
C THR A 158 1.15 12.93 28.09
N THR A 159 0.68 11.98 27.29
CA THR A 159 0.41 12.25 25.87
C THR A 159 -0.71 13.27 25.67
N GLU A 160 -0.59 14.04 24.60
CA GLU A 160 -1.58 15.07 24.24
C GLU A 160 -2.58 14.53 23.21
N ALA A 161 -2.28 13.37 22.65
CA ALA A 161 -3.04 12.84 21.53
C ALA A 161 -3.92 11.65 21.94
N ASN A 162 -4.45 10.94 20.94
CA ASN A 162 -5.25 9.74 21.15
C ASN A 162 -4.99 8.73 20.04
N ALA A 163 -5.72 7.60 20.09
CA ALA A 163 -5.54 6.54 19.11
C ALA A 163 -5.74 7.04 17.68
N GLY A 164 -6.74 7.89 17.48
CA GLY A 164 -7.03 8.44 16.18
C GLY A 164 -5.89 9.24 15.60
N GLN A 165 -5.33 10.15 16.38
CA GLN A 165 -4.22 10.99 15.93
C GLN A 165 -2.98 10.15 15.63
N PHE A 166 -2.75 9.13 16.44
CA PHE A 166 -1.59 8.26 16.25
C PHE A 166 -1.69 7.55 14.91
N LEU A 167 -2.89 7.10 14.56
CA LEU A 167 -3.11 6.38 13.33
C LEU A 167 -3.04 7.32 12.12
N SER A 168 -3.64 8.51 12.24
CA SER A 168 -3.64 9.47 11.15
C SER A 168 -2.23 9.98 10.91
N PHE A 169 -1.47 10.14 11.97
CA PHE A 169 -0.08 10.56 11.88
C PHE A 169 0.76 9.50 11.18
N ALA A 170 0.52 8.24 11.54
CA ALA A 170 1.24 7.12 10.94
C ALA A 170 0.92 7.02 9.44
N SER A 171 -0.31 7.33 9.08
CA SER A 171 -0.75 7.22 7.69
C SER A 171 0.04 8.17 6.78
N LEU A 172 0.53 9.26 7.33
CA LEU A 172 1.26 10.27 6.55
C LEU A 172 2.54 9.69 5.95
N PHE A 173 3.00 8.57 6.51
CA PHE A 173 4.24 7.95 6.05
C PHE A 173 4.03 7.03 4.86
N LEU A 174 2.77 6.71 4.55
CA LEU A 174 2.47 5.74 3.49
C LEU A 174 2.87 6.19 2.08
N PRO A 175 2.51 7.43 1.68
CA PRO A 175 2.73 7.84 0.28
C PRO A 175 4.17 7.70 -0.22
N LYS A 176 5.16 8.03 0.60
CA LYS A 176 6.57 8.00 0.18
C LYS A 176 7.40 7.01 0.97
N LEU A 177 6.75 6.02 1.58
CA LEU A 177 7.42 5.02 2.39
C LEU A 177 8.49 4.26 1.59
N VAL A 178 8.14 3.87 0.36
CA VAL A 178 9.01 3.03 -0.45
C VAL A 178 10.20 3.80 -1.03
N VAL A 179 10.15 5.12 -0.97
CA VAL A 179 11.18 5.95 -1.60
C VAL A 179 12.43 6.02 -0.73
N GLY A 180 12.24 6.11 0.58
CA GLY A 180 13.36 6.18 1.52
C GLY A 180 13.02 7.00 2.75
N GLU A 181 13.94 6.99 3.71
CA GLU A 181 13.72 7.68 4.98
CA GLU A 181 13.72 7.68 4.98
C GLU A 181 13.67 9.19 4.80
C GLU A 181 13.68 9.19 4.79
N LYS A 182 14.58 9.71 3.98
CA LYS A 182 14.66 11.16 3.74
C LYS A 182 13.42 11.68 3.02
N ALA A 183 13.07 11.04 1.92
CA ALA A 183 11.91 11.45 1.12
C ALA A 183 10.61 11.28 1.88
N CYS A 184 10.53 10.24 2.71
CA CYS A 184 9.33 9.97 3.47
C CYS A 184 9.12 11.03 4.55
N LEU A 185 10.13 11.23 5.40
CA LEU A 185 10.05 12.21 6.48
C LEU A 185 9.74 13.61 5.94
N GLU A 186 10.36 13.97 4.82
CA GLU A 186 10.12 15.28 4.21
C GLU A 186 8.68 15.38 3.73
N LYS A 187 8.14 14.27 3.23
CA LYS A 187 6.75 14.24 2.79
C LYS A 187 5.82 14.42 3.98
N VAL A 188 6.16 13.78 5.10
CA VAL A 188 5.38 13.91 6.32
C VAL A 188 5.38 15.36 6.80
N GLN A 189 6.55 15.99 6.79
CA GLN A 189 6.68 17.38 7.22
C GLN A 189 5.80 18.30 6.38
N ARG A 190 5.86 18.15 5.06
CA ARG A 190 5.07 18.98 4.17
C ARG A 190 3.58 18.77 4.38
N GLN A 191 3.18 17.50 4.51
CA GLN A 191 1.78 17.15 4.67
C GLN A 191 1.21 17.69 5.99
N ILE A 192 2.04 17.66 7.04
CA ILE A 192 1.63 18.20 8.33
C ILE A 192 1.30 19.68 8.20
N GLN A 193 2.10 20.40 7.41
CA GLN A 193 1.89 21.83 7.22
C GLN A 193 0.61 22.08 6.43
N VAL A 194 0.36 21.25 5.41
CA VAL A 194 -0.85 21.35 4.61
C VAL A 194 -2.09 21.19 5.49
N HIS A 195 -2.13 20.11 6.27
CA HIS A 195 -3.28 19.82 7.11
C HIS A 195 -3.46 20.86 8.22
N ALA A 196 -2.35 21.37 8.75
CA ALA A 196 -2.40 22.35 9.82
C ALA A 196 -2.89 23.69 9.29
N GLU A 197 -2.42 24.08 8.11
CA GLU A 197 -2.80 25.36 7.52
C GLU A 197 -4.28 25.37 7.15
N GLN A 198 -4.79 24.22 6.72
CA GLN A 198 -6.18 24.10 6.32
C GLN A 198 -7.09 23.87 7.52
N GLY A 199 -6.51 23.76 8.70
CA GLY A 199 -7.28 23.65 9.93
C GLY A 199 -7.95 22.31 10.12
N LEU A 200 -7.43 21.28 9.47
CA LEU A 200 -8.01 19.94 9.57
C LEU A 200 -7.60 19.25 10.87
N ILE A 201 -6.29 19.10 11.07
CA ILE A 201 -5.75 18.43 12.24
C ILE A 201 -4.48 19.14 12.69
N GLN A 202 -4.18 19.05 13.99
CA GLN A 202 -2.94 19.59 14.51
C GLN A 202 -2.35 18.59 15.51
N TYR A 203 -1.16 18.08 15.19
CA TYR A 203 -0.52 17.06 16.01
C TYR A 203 0.36 17.70 17.08
N PRO A 204 0.69 16.94 18.14
CA PRO A 204 1.59 17.45 19.19
C PRO A 204 2.93 17.88 18.63
N THR A 205 3.54 18.87 19.27
CA THR A 205 4.83 19.41 18.84
C THR A 205 5.93 18.36 18.92
N SER A 206 5.91 17.58 19.99
CA SER A 206 6.96 16.58 20.23
C SER A 206 6.97 15.49 19.16
N TRP A 207 5.83 15.29 18.50
CA TRP A 207 5.74 14.26 17.46
C TRP A 207 6.48 14.66 16.20
N GLN A 208 6.64 15.97 16.00
CA GLN A 208 7.25 16.48 14.79
C GLN A 208 8.77 16.55 14.91
N SER A 209 9.29 16.14 16.07
CA SER A 209 10.74 16.05 16.25
C SER A 209 11.29 14.94 15.39
N VAL A 210 12.53 15.09 14.95
CA VAL A 210 13.17 14.10 14.09
C VAL A 210 13.22 12.72 14.76
N GLY A 211 13.48 12.71 16.06
CA GLY A 211 13.53 11.47 16.82
C GLY A 211 12.24 10.70 16.70
N HIS A 212 11.12 11.36 16.98
CA HIS A 212 9.81 10.70 16.98
C HIS A 212 9.44 10.22 15.57
N MET A 213 9.68 11.07 14.58
CA MET A 213 9.33 10.70 13.21
C MET A 213 10.12 9.47 12.75
N MET A 214 11.36 9.36 13.20
CA MET A 214 12.19 8.20 12.86
C MET A 214 11.63 6.92 13.49
N VAL A 215 11.10 7.02 14.71
CA VAL A 215 10.49 5.87 15.37
C VAL A 215 9.29 5.38 14.57
N ILE A 216 8.43 6.31 14.16
CA ILE A 216 7.24 5.96 13.39
C ILE A 216 7.63 5.42 12.02
N PHE A 217 8.70 5.93 11.44
CA PHE A 217 9.16 5.45 10.14
C PHE A 217 9.62 3.98 10.22
N ARG A 218 10.42 3.66 11.22
N ARG A 218 10.42 3.67 11.23
CA ARG A 218 10.91 2.30 11.39
CA ARG A 218 10.92 2.31 11.40
C ARG A 218 9.77 1.35 11.70
C ARG A 218 9.78 1.36 11.72
N LEU A 219 8.76 1.85 12.40
CA LEU A 219 7.58 1.04 12.73
C LEU A 219 6.79 0.70 11.48
N MET A 220 6.46 1.73 10.70
CA MET A 220 5.69 1.56 9.48
C MET A 220 6.38 0.66 8.46
N ARG A 221 7.71 0.80 8.37
CA ARG A 221 8.46 0.08 7.36
C ARG A 221 8.55 -1.41 7.66
N THR A 222 8.55 -1.77 8.95
CA THR A 222 8.73 -3.17 9.36
C THR A 222 7.42 -3.90 9.64
N ASN A 223 6.37 -3.18 10.03
CA ASN A 223 5.11 -3.81 10.44
C ASN A 223 4.06 -3.80 9.35
N PHE A 224 3.74 -4.99 8.83
CA PHE A 224 2.77 -5.13 7.75
C PHE A 224 1.35 -4.80 8.21
N LEU A 225 0.99 -5.25 9.40
CA LEU A 225 -0.39 -5.15 9.86
C LEU A 225 -0.89 -3.72 9.97
N ILE A 226 -0.09 -2.84 10.57
CA ILE A 226 -0.51 -1.46 10.76
C ILE A 226 -0.72 -0.77 9.40
N LYS A 227 0.14 -1.10 8.43
CA LYS A 227 0.01 -0.56 7.09
C LYS A 227 -1.29 -1.02 6.45
N PHE A 228 -1.58 -2.31 6.57
CA PHE A 228 -2.78 -2.88 5.98
C PHE A 228 -4.04 -2.31 6.63
N LEU A 229 -4.01 -2.15 7.95
CA LEU A 229 -5.18 -1.68 8.69
C LEU A 229 -5.49 -0.23 8.36
N LEU A 230 -4.47 0.57 8.13
CA LEU A 230 -4.67 1.95 7.73
C LEU A 230 -5.29 2.00 6.34
N ILE A 231 -4.75 1.19 5.43
CA ILE A 231 -5.27 1.11 4.07
C ILE A 231 -6.71 0.61 4.09
N HIS A 232 -6.98 -0.35 4.96
CA HIS A 232 -8.33 -0.87 5.15
C HIS A 232 -9.28 0.25 5.59
N GLN A 233 -8.88 1.00 6.61
CA GLN A 233 -9.68 2.12 7.10
C GLN A 233 -9.89 3.19 6.05
N GLY A 234 -8.83 3.52 5.31
CA GLY A 234 -8.87 4.61 4.36
C GLY A 234 -9.81 4.38 3.18
N MET A 235 -10.00 3.12 2.80
CA MET A 235 -10.82 2.78 1.65
C MET A 235 -12.25 2.38 2.02
N HIS A 236 -12.40 1.73 3.17
CA HIS A 236 -13.68 1.13 3.54
C HIS A 236 -14.48 1.93 4.56
N MET A 237 -13.95 3.08 4.98
CA MET A 237 -14.69 4.03 5.80
C MET A 237 -15.64 4.82 4.90
N VAL A 238 -16.95 4.60 5.03
CA VAL A 238 -17.91 5.18 4.11
C VAL A 238 -18.64 6.40 4.67
N ALA A 239 -18.64 6.55 5.99
CA ALA A 239 -19.36 7.67 6.62
C ALA A 239 -18.90 7.93 8.05
N GLY A 240 -19.26 9.10 8.56
CA GLY A 240 -18.92 9.50 9.91
C GLY A 240 -17.45 9.82 10.08
N HIS A 241 -16.81 10.29 9.01
CA HIS A 241 -15.38 10.57 9.03
C HIS A 241 -14.97 11.60 10.08
N ASP A 242 -14.04 11.21 10.96
CA ASP A 242 -13.37 12.15 11.83
C ASP A 242 -12.45 13.04 11.03
N ALA A 243 -11.82 14.00 11.71
CA ALA A 243 -10.71 14.71 11.11
C ALA A 243 -9.59 13.70 10.85
N ASN A 244 -9.45 12.74 11.77
CA ASN A 244 -8.46 11.67 11.62
C ASN A 244 -8.77 10.75 10.45
N ASP A 245 -10.04 10.36 10.32
CA ASP A 245 -10.45 9.49 9.23
C ASP A 245 -10.19 10.15 7.88
N THR A 246 -10.42 11.46 7.83
CA THR A 246 -10.19 12.23 6.61
C THR A 246 -8.72 12.19 6.22
N VAL A 247 -7.83 12.40 7.19
CA VAL A 247 -6.40 12.37 6.93
C VAL A 247 -5.99 10.99 6.43
N ILE A 248 -6.46 9.95 7.09
CA ILE A 248 -6.12 8.58 6.74
C ILE A 248 -6.59 8.26 5.32
N SER A 249 -7.81 8.66 4.98
CA SER A 249 -8.35 8.41 3.65
C SER A 249 -7.54 9.15 2.58
N ASN A 250 -7.13 10.36 2.89
CA ASN A 250 -6.31 11.15 1.98
C ASN A 250 -4.93 10.53 1.81
N SER A 251 -4.36 10.03 2.89
CA SER A 251 -3.04 9.39 2.87
C SER A 251 -3.05 8.13 2.01
N VAL A 252 -4.08 7.31 2.19
CA VAL A 252 -4.20 6.05 1.45
C VAL A 252 -4.41 6.33 -0.03
N ALA A 253 -5.19 7.37 -0.34
CA ALA A 253 -5.44 7.75 -1.72
C ALA A 253 -4.15 8.17 -2.42
N GLN A 254 -3.31 8.91 -1.71
CA GLN A 254 -2.04 9.38 -2.25
C GLN A 254 -1.05 8.23 -2.42
N ALA A 255 -1.19 7.20 -1.60
CA ALA A 255 -0.27 6.07 -1.62
C ALA A 255 -0.61 5.06 -2.71
N ARG A 256 -1.74 5.26 -3.39
CA ARG A 256 -2.17 4.32 -4.44
C ARG A 256 -1.13 4.19 -5.54
N PHE A 257 -0.77 2.95 -5.84
CA PHE A 257 0.22 2.63 -6.87
C PHE A 257 1.58 3.24 -6.58
N SER A 258 1.87 3.47 -5.30
CA SER A 258 3.18 3.95 -4.89
C SER A 258 4.23 2.89 -5.22
N GLY A 259 5.26 3.28 -5.96
CA GLY A 259 6.29 2.36 -6.39
C GLY A 259 5.88 1.55 -7.61
N LEU A 260 4.74 1.91 -8.19
CA LEU A 260 4.20 1.22 -9.36
C LEU A 260 3.75 2.19 -10.45
N LEU A 261 3.98 3.48 -10.23
CA LEU A 261 3.47 4.51 -11.14
C LEU A 261 4.11 4.43 -12.52
N ILE A 262 5.41 4.13 -12.56
CA ILE A 262 6.14 4.08 -13.83
C ILE A 262 5.64 2.93 -14.71
N VAL A 263 5.64 1.71 -14.17
CA VAL A 263 5.21 0.55 -14.94
C VAL A 263 3.74 0.70 -15.34
N LYS A 264 2.98 1.42 -14.53
CA LYS A 264 1.56 1.65 -14.82
C LYS A 264 1.40 2.55 -16.05
N THR A 265 2.25 3.57 -16.16
CA THR A 265 2.20 4.47 -17.32
C THR A 265 2.72 3.76 -18.56
N VAL A 266 3.65 2.83 -18.39
CA VAL A 266 4.11 2.01 -19.49
C VAL A 266 2.95 1.19 -20.02
N LEU A 267 2.20 0.58 -19.10
CA LEU A 267 1.03 -0.20 -19.47
C LEU A 267 -0.01 0.67 -20.19
N ASP A 268 -0.18 1.90 -19.71
CA ASP A 268 -1.12 2.83 -20.32
C ASP A 268 -0.79 3.10 -21.79
N HIS A 269 0.50 3.18 -22.11
CA HIS A 269 0.92 3.62 -23.43
C HIS A 269 1.16 2.46 -24.40
N ILE A 270 1.09 1.22 -23.90
CA ILE A 270 1.11 0.05 -24.77
C ILE A 270 -0.32 -0.44 -24.99
N LEU A 271 -1.27 0.19 -24.30
CA LEU A 271 -2.68 -0.01 -24.57
C LEU A 271 -3.12 1.00 -25.62
N GLN A 272 -3.88 0.55 -26.61
CA GLN A 272 -4.30 1.39 -27.71
C GLN A 272 -5.83 1.40 -27.81
N LYS A 273 -6.41 2.60 -27.92
CA LYS A 273 -7.85 2.74 -28.01
C LYS A 273 -8.29 3.20 -29.40
N THR A 274 -9.32 2.53 -29.92
CA THR A 274 -9.94 2.91 -31.18
C THR A 274 -11.44 3.06 -30.99
N ASP A 275 -12.17 3.19 -32.09
CA ASP A 275 -13.63 3.31 -32.02
C ASP A 275 -14.27 1.99 -31.59
N LEU A 276 -13.51 0.91 -31.68
CA LEU A 276 -14.02 -0.42 -31.34
C LEU A 276 -13.80 -0.75 -29.87
N GLY A 277 -12.72 -0.21 -29.30
CA GLY A 277 -12.41 -0.44 -27.91
C GLY A 277 -10.93 -0.31 -27.62
N VAL A 278 -10.46 -1.04 -26.61
CA VAL A 278 -9.06 -1.00 -26.19
C VAL A 278 -8.38 -2.33 -26.50
N ARG A 279 -7.16 -2.25 -27.02
CA ARG A 279 -6.38 -3.44 -27.34
C ARG A 279 -4.89 -3.16 -27.14
N LEU A 280 -4.10 -4.23 -27.08
CA LEU A 280 -2.65 -4.11 -26.95
C LEU A 280 -2.06 -3.53 -28.24
N HIS A 281 -0.99 -2.75 -28.09
CA HIS A 281 -0.36 -2.11 -29.24
C HIS A 281 0.15 -3.17 -30.21
N PRO A 282 -0.05 -2.96 -31.53
CA PRO A 282 0.40 -3.94 -32.52
C PRO A 282 1.88 -4.33 -32.41
N LEU A 283 2.74 -3.37 -32.11
CA LEU A 283 4.17 -3.65 -31.98
C LEU A 283 4.46 -4.51 -30.76
N ALA A 284 3.52 -4.56 -29.83
CA ALA A 284 3.67 -5.41 -28.65
C ALA A 284 3.18 -6.83 -28.92
N ARG A 285 2.64 -7.06 -30.12
CA ARG A 285 2.09 -8.37 -30.48
C ARG A 285 3.02 -9.13 -31.44
N THR A 286 4.23 -8.62 -31.64
CA THR A 286 5.19 -9.27 -32.51
C THR A 286 5.89 -10.42 -31.78
N ALA A 287 6.50 -11.31 -32.57
CA ALA A 287 7.19 -12.47 -32.00
C ALA A 287 8.40 -12.05 -31.18
N LYS A 288 9.00 -10.92 -31.55
CA LYS A 288 10.20 -10.43 -30.89
C LYS A 288 9.96 -10.08 -29.43
N VAL A 289 8.72 -9.71 -29.11
CA VAL A 289 8.39 -9.22 -27.78
C VAL A 289 7.45 -10.15 -27.01
N LYS A 290 7.03 -11.24 -27.65
CA LYS A 290 6.05 -12.15 -27.06
C LYS A 290 6.54 -12.75 -25.75
N ASN A 291 7.85 -12.90 -25.62
CA ASN A 291 8.44 -13.44 -24.40
C ASN A 291 8.29 -12.46 -23.25
N GLU A 292 8.52 -11.19 -23.54
CA GLU A 292 8.44 -10.12 -22.56
C GLU A 292 7.00 -9.92 -22.11
N VAL A 293 6.08 -10.01 -23.05
CA VAL A 293 4.66 -9.86 -22.77
C VAL A 293 4.16 -11.00 -21.88
N SER A 294 4.66 -12.21 -22.14
CA SER A 294 4.29 -13.38 -21.36
C SER A 294 4.67 -13.22 -19.90
N SER A 295 5.89 -12.76 -19.65
CA SER A 295 6.36 -12.52 -18.30
C SER A 295 5.59 -11.39 -17.64
N PHE A 296 5.26 -10.37 -18.44
CA PHE A 296 4.54 -9.20 -17.95
C PHE A 296 3.12 -9.56 -17.54
N LYS A 297 2.45 -10.36 -18.37
CA LYS A 297 1.10 -10.82 -18.07
C LYS A 297 1.10 -11.65 -16.79
N ALA A 298 2.12 -12.49 -16.65
CA ALA A 298 2.26 -13.34 -15.47
C ALA A 298 2.45 -12.51 -14.21
N ALA A 299 3.17 -11.40 -14.35
CA ALA A 299 3.45 -10.51 -13.22
C ALA A 299 2.20 -9.72 -12.83
N LEU A 300 1.44 -9.28 -13.82
CA LEU A 300 0.19 -8.57 -13.57
C LEU A 300 -0.85 -9.50 -12.97
N GLY A 301 -0.86 -10.74 -13.45
CA GLY A 301 -1.78 -11.75 -12.95
C GLY A 301 -1.57 -11.98 -11.46
N SER A 302 -0.31 -12.09 -11.06
CA SER A 302 0.04 -12.27 -9.67
C SER A 302 -0.40 -11.06 -8.83
N LEU A 303 -0.32 -9.88 -9.44
CA LEU A 303 -0.70 -8.64 -8.77
C LEU A 303 -2.20 -8.54 -8.59
N ALA A 304 -2.95 -8.89 -9.64
CA ALA A 304 -4.40 -8.69 -9.67
C ALA A 304 -5.15 -9.60 -8.70
N LYS A 305 -4.50 -10.67 -8.25
CA LYS A 305 -5.15 -11.59 -7.30
CA LYS A 305 -5.13 -11.59 -7.29
C LYS A 305 -5.37 -10.91 -5.94
N HIS A 306 -4.71 -9.78 -5.73
CA HIS A 306 -4.86 -9.02 -4.49
C HIS A 306 -6.00 -8.01 -4.57
N GLY A 307 -6.65 -7.95 -5.73
CA GLY A 307 -7.83 -7.13 -5.92
C GLY A 307 -7.65 -5.67 -5.58
N GLU A 308 -8.46 -5.18 -4.66
CA GLU A 308 -8.46 -3.77 -4.29
C GLU A 308 -7.22 -3.38 -3.48
N TYR A 309 -6.41 -4.36 -3.10
CA TYR A 309 -5.18 -4.10 -2.35
C TYR A 309 -3.96 -4.09 -3.28
N ALA A 310 -4.17 -4.45 -4.54
CA ALA A 310 -3.08 -4.46 -5.52
C ALA A 310 -2.34 -3.12 -5.62
N PRO A 311 -3.06 -1.99 -5.59
CA PRO A 311 -2.38 -0.70 -5.75
C PRO A 311 -1.38 -0.39 -4.63
N PHE A 312 -1.40 -1.15 -3.55
CA PHE A 312 -0.48 -0.96 -2.44
C PHE A 312 0.50 -2.12 -2.33
N ALA A 313 0.64 -2.87 -3.43
CA ALA A 313 1.44 -4.08 -3.43
C ALA A 313 2.91 -3.83 -3.13
N ARG A 314 3.46 -2.76 -3.70
CA ARG A 314 4.87 -2.43 -3.47
C ARG A 314 5.04 -1.87 -2.06
N LEU A 315 4.03 -1.14 -1.60
CA LEU A 315 4.03 -0.56 -0.27
C LEU A 315 4.00 -1.67 0.79
N LEU A 316 3.20 -2.70 0.54
CA LEU A 316 3.04 -3.82 1.46
C LEU A 316 4.05 -4.94 1.22
N ASN A 317 4.92 -4.75 0.22
CA ASN A 317 5.94 -5.74 -0.11
C ASN A 317 5.36 -7.13 -0.40
N LEU A 318 4.23 -7.16 -1.11
CA LEU A 318 3.62 -8.44 -1.48
C LEU A 318 4.57 -9.22 -2.40
N SER A 319 4.43 -10.54 -2.43
CA SER A 319 5.36 -11.36 -3.19
C SER A 319 5.12 -11.18 -4.70
N GLY A 320 6.21 -11.13 -5.45
CA GLY A 320 6.16 -11.05 -6.90
C GLY A 320 6.15 -9.63 -7.44
N VAL A 321 5.97 -8.66 -6.55
CA VAL A 321 5.87 -7.26 -6.97
C VAL A 321 7.19 -6.76 -7.55
N ASN A 322 8.29 -7.38 -7.14
CA ASN A 322 9.60 -7.05 -7.69
C ASN A 322 9.66 -7.29 -9.20
N ASN A 323 8.81 -8.19 -9.68
CA ASN A 323 8.76 -8.52 -11.11
C ASN A 323 8.00 -7.48 -11.93
N LEU A 324 7.60 -6.38 -11.29
CA LEU A 324 6.86 -5.33 -11.97
C LEU A 324 7.73 -4.08 -12.22
N GLU A 325 9.02 -4.18 -11.94
CA GLU A 325 9.93 -3.09 -12.27
C GLU A 325 10.04 -2.96 -13.79
N HIS A 326 9.76 -1.76 -14.29
CA HIS A 326 9.69 -1.52 -15.73
C HIS A 326 11.00 -1.83 -16.43
N GLY A 327 12.11 -1.73 -15.70
CA GLY A 327 13.42 -2.02 -16.24
C GLY A 327 13.53 -3.41 -16.80
N LEU A 328 12.72 -4.33 -16.28
CA LEU A 328 12.70 -5.71 -16.75
C LEU A 328 12.02 -5.85 -18.10
N TYR A 329 11.37 -4.78 -18.54
CA TYR A 329 10.60 -4.80 -19.78
C TYR A 329 11.00 -3.65 -20.70
N PRO A 330 12.23 -3.71 -21.25
CA PRO A 330 12.77 -2.63 -22.08
C PRO A 330 12.04 -2.44 -23.40
N GLN A 331 11.63 -3.54 -24.02
CA GLN A 331 10.91 -3.48 -25.29
C GLN A 331 9.55 -2.80 -25.11
N LEU A 332 8.81 -3.20 -24.08
CA LEU A 332 7.52 -2.60 -23.79
C LEU A 332 7.69 -1.14 -23.37
N SER A 333 8.76 -0.86 -22.64
CA SER A 333 9.07 0.52 -22.24
C SER A 333 9.35 1.37 -23.47
N ALA A 334 10.05 0.79 -24.44
CA ALA A 334 10.40 1.50 -25.67
C ALA A 334 9.15 1.85 -26.45
N ILE A 335 8.26 0.88 -26.63
CA ILE A 335 6.99 1.11 -27.32
C ILE A 335 6.22 2.19 -26.58
N ALA A 336 6.21 2.09 -25.25
CA ALA A 336 5.48 3.04 -24.41
C ALA A 336 6.02 4.45 -24.58
N LEU A 337 7.35 4.60 -24.55
CA LEU A 337 7.96 5.91 -24.74
C LEU A 337 7.79 6.39 -26.17
N GLY A 338 7.87 5.44 -27.12
CA GLY A 338 7.70 5.76 -28.52
C GLY A 338 6.33 6.37 -28.78
N VAL A 339 5.30 5.79 -28.16
CA VAL A 339 3.95 6.31 -28.30
C VAL A 339 3.81 7.66 -27.58
N ALA A 340 4.41 7.75 -26.40
CA ALA A 340 4.33 8.95 -25.59
C ALA A 340 4.95 10.16 -26.30
N THR A 341 6.16 9.98 -26.83
CA THR A 341 6.89 11.06 -27.49
C THR A 341 6.16 11.58 -28.73
N ALA A 342 5.30 10.74 -29.31
CA ALA A 342 4.55 11.11 -30.50
C ALA A 342 3.45 12.12 -30.17
N HIS A 343 3.00 12.12 -28.92
CA HIS A 343 1.98 13.05 -28.45
C HIS A 343 2.59 14.24 -27.72
N GLY A 344 3.89 14.46 -27.94
CA GLY A 344 4.60 15.55 -27.29
C GLY A 344 4.72 15.34 -25.79
N SER A 345 4.47 14.13 -25.33
CA SER A 345 4.54 13.79 -23.92
C SER A 345 5.82 13.04 -23.59
N THR A 346 6.04 12.79 -22.29
CA THR A 346 7.19 12.02 -21.84
C THR A 346 6.79 11.15 -20.64
N LEU A 347 7.51 10.05 -20.46
CA LEU A 347 7.27 9.14 -19.35
C LEU A 347 8.36 9.30 -18.29
N ALA A 348 7.97 9.74 -17.11
CA ALA A 348 8.91 9.96 -16.02
C ALA A 348 9.55 8.65 -15.59
N GLY A 349 10.87 8.66 -15.47
CA GLY A 349 11.61 7.51 -14.98
C GLY A 349 11.84 6.45 -16.03
N VAL A 350 11.42 6.72 -17.27
CA VAL A 350 11.59 5.78 -18.38
C VAL A 350 12.69 6.26 -19.31
N ASN A 351 13.71 5.43 -19.48
CA ASN A 351 14.82 5.73 -20.37
C ASN A 351 15.16 4.54 -21.27
N VAL A 352 15.04 4.74 -22.57
CA VAL A 352 15.26 3.68 -23.55
C VAL A 352 16.71 3.69 -24.03
N GLY A 353 17.37 2.55 -23.91
CA GLY A 353 18.74 2.40 -24.39
C GLY A 353 18.79 2.33 -25.90
N GLU A 354 19.98 2.59 -26.45
CA GLU A 354 20.18 2.61 -27.90
C GLU A 354 19.75 1.31 -28.57
N GLN A 355 19.83 0.22 -27.82
CA GLN A 355 19.50 -1.10 -28.36
C GLN A 355 18.03 -1.23 -28.74
N TYR A 356 17.18 -0.42 -28.12
CA TYR A 356 15.73 -0.50 -28.33
C TYR A 356 15.15 0.76 -28.98
N GLN A 357 16.02 1.65 -29.44
CA GLN A 357 15.58 2.90 -30.05
C GLN A 357 14.87 2.64 -31.37
N GLN A 358 15.28 1.59 -32.07
CA GLN A 358 14.63 1.22 -33.32
C GLN A 358 13.18 0.85 -33.08
N LEU A 359 12.95 0.09 -32.01
CA LEU A 359 11.60 -0.27 -31.62
C LEU A 359 10.85 0.98 -31.16
N ARG A 360 11.58 1.89 -30.54
CA ARG A 360 11.00 3.14 -30.04
C ARG A 360 10.52 4.00 -31.19
N GLU A 361 11.39 4.20 -32.19
CA GLU A 361 11.06 5.02 -33.34
C GLU A 361 9.89 4.43 -34.12
N ALA A 362 9.85 3.10 -34.21
CA ALA A 362 8.77 2.41 -34.91
C ALA A 362 7.42 2.74 -34.30
N ALA A 363 7.39 2.83 -32.97
CA ALA A 363 6.15 3.16 -32.25
C ALA A 363 5.77 4.62 -32.48
N THR A 364 6.77 5.49 -32.49
CA THR A 364 6.55 6.91 -32.73
C THR A 364 6.01 7.13 -34.14
N GLU A 365 6.67 6.55 -35.12
CA GLU A 365 6.25 6.67 -36.51
C GLU A 365 4.87 6.06 -36.71
N ALA A 366 4.61 4.98 -36.00
CA ALA A 366 3.32 4.31 -36.08
C ALA A 366 2.20 5.21 -35.57
N GLU A 367 2.45 5.90 -34.46
CA GLU A 367 1.43 6.74 -33.84
C GLU A 367 1.12 7.98 -34.68
N LYS A 368 2.16 8.69 -35.10
CA LYS A 368 1.98 9.89 -35.90
C LYS A 368 1.38 9.56 -37.26
N GLN A 369 1.43 8.28 -37.63
CA GLN A 369 0.76 7.79 -38.83
C GLN A 369 -0.74 7.68 -38.59
N LEU A 370 -1.11 7.07 -37.46
CA LEU A 370 -2.50 6.79 -37.16
C LEU A 370 -3.32 8.06 -36.93
N GLN A 371 -2.66 9.14 -36.54
CA GLN A 371 -3.34 10.41 -36.33
C GLN A 371 -3.79 11.00 -37.65
N GLN A 372 -4.96 10.57 -38.12
CA GLN A 372 -5.52 11.02 -39.39
C GLN A 372 -6.36 12.27 -39.20
#